data_2OEB
#
_entry.id   2OEB
#
_cell.length_a   73.309
_cell.length_b   73.309
_cell.length_c   147.192
_cell.angle_alpha   90.00
_cell.angle_beta   90.00
_cell.angle_gamma   120.00
#
_symmetry.space_group_name_H-M   'H 3 2'
#
loop_
_entity.id
_entity.type
_entity.pdbx_description
1 polymer 'Hypothetical protein'
2 water water
#
_entity_poly.entity_id   1
_entity_poly.type   'polypeptide(L)'
_entity_poly.pdbx_seq_one_letter_code
;MDIREIEQERASFAFKVVSDIKDKYSQNKKVQGKYSSYAEKAPTIILNNGLGATLAFFLSKLEKPIDDVDYKSINPESFG
NAENIAYAFLYKHLSTWLAEGNGKDSAFSGLTNGEDPLKYIMEKTAIDVAISTEEALSILNWIKKFAKAMLEEEL
;
_entity_poly.pdbx_strand_id   A
#
# COMPACT_ATOMS: atom_id res chain seq x y z
N ASP A 2 9.94 -16.98 -12.14
CA ASP A 2 9.53 -15.55 -12.32
C ASP A 2 8.39 -15.21 -11.39
N ILE A 3 7.32 -16.01 -11.43
CA ILE A 3 6.30 -16.00 -10.37
C ILE A 3 7.00 -16.33 -9.05
N ARG A 4 7.86 -17.35 -9.05
CA ARG A 4 8.66 -17.66 -7.86
C ARG A 4 9.40 -16.41 -7.34
N GLU A 5 10.12 -15.72 -8.22
CA GLU A 5 10.94 -14.58 -7.74
C GLU A 5 10.07 -13.39 -7.38
N ILE A 6 9.00 -13.16 -8.12
CA ILE A 6 8.09 -12.07 -7.75
C ILE A 6 7.36 -12.37 -6.45
N GLU A 7 6.97 -13.63 -6.21
CA GLU A 7 6.38 -14.01 -4.91
C GLU A 7 7.38 -13.79 -3.76
N GLN A 8 8.64 -14.06 -4.04
CA GLN A 8 9.71 -13.86 -3.05
C GLN A 8 9.84 -12.37 -2.70
N GLU A 9 9.85 -11.52 -3.73
CA GLU A 9 9.94 -10.08 -3.52
C GLU A 9 8.69 -9.51 -2.82
N ARG A 10 7.50 -10.00 -3.18
CA ARG A 10 6.28 -9.58 -2.52
C ARG A 10 6.31 -9.91 -1.03
N ALA A 11 6.70 -11.14 -0.71
CA ALA A 11 6.76 -11.59 0.68
C ALA A 11 7.76 -10.70 1.46
N SER A 12 8.91 -10.43 0.86
CA SER A 12 9.95 -9.63 1.50
C SER A 12 9.43 -8.22 1.82
N PHE A 13 8.80 -7.60 0.83
CA PHE A 13 8.26 -6.26 0.99
C PHE A 13 7.17 -6.23 2.04
N ALA A 14 6.22 -7.19 2.00
CA ALA A 14 5.14 -7.21 2.95
C ALA A 14 5.71 -7.34 4.36
N PHE A 15 6.67 -8.23 4.52
CA PHE A 15 7.32 -8.39 5.83
C PHE A 15 7.94 -7.10 6.34
N LYS A 16 8.65 -6.41 5.45
CA LYS A 16 9.28 -5.12 5.76
C LYS A 16 8.23 -4.08 6.24
N VAL A 17 7.15 -3.92 5.46
CA VAL A 17 6.19 -2.85 5.77
C VAL A 17 5.35 -3.19 7.01
N VAL A 18 4.95 -4.44 7.18
CA VAL A 18 4.16 -4.82 8.35
C VAL A 18 5.04 -4.78 9.62
N SER A 19 6.30 -5.19 9.47
CA SER A 19 7.30 -5.09 10.58
C SER A 19 7.47 -3.66 11.05
N ASP A 20 7.50 -2.73 10.09
CA ASP A 20 7.64 -1.32 10.44
C ASP A 20 6.46 -0.82 11.23
N ILE A 21 5.25 -1.19 10.84
CA ILE A 21 4.05 -0.84 11.60
C ILE A 21 4.14 -1.42 13.02
N LYS A 22 4.51 -2.68 13.13
CA LYS A 22 4.59 -3.29 14.46
C LYS A 22 5.66 -2.64 15.33
N ASP A 23 6.78 -2.25 14.73
CA ASP A 23 7.91 -1.59 15.44
C ASP A 23 7.52 -0.19 15.91
N LYS A 24 6.92 0.60 15.02
CA LYS A 24 6.57 1.99 15.32
C LYS A 24 5.37 2.11 16.26
N TYR A 25 4.52 1.09 16.26
CA TYR A 25 3.31 1.14 17.02
C TYR A 25 3.15 -0.10 17.87
N SER A 26 4.27 -0.56 18.45
CA SER A 26 4.29 -1.76 19.29
C SER A 26 3.27 -1.66 20.43
N GLN A 27 3.10 -0.46 20.97
CA GLN A 27 2.20 -0.24 22.08
C GLN A 27 0.96 0.53 21.68
N ASN A 28 0.66 0.56 20.37
CA ASN A 28 -0.60 1.11 19.86
C ASN A 28 -1.34 0.07 19.02
N LYS A 29 -2.20 -0.69 19.69
CA LYS A 29 -2.97 -1.75 19.04
C LYS A 29 -4.06 -1.20 18.12
N LYS A 30 -4.49 0.04 18.33
CA LYS A 30 -5.50 0.63 17.46
C LYS A 30 -4.92 0.80 16.06
N VAL A 31 -3.70 1.34 15.97
CA VAL A 31 -3.05 1.53 14.67
C VAL A 31 -2.84 0.16 13.98
N GLN A 32 -2.34 -0.81 14.75
CA GLN A 32 -2.15 -2.16 14.20
C GLN A 32 -3.44 -2.75 13.67
N GLY A 33 -4.49 -2.64 14.47
CA GLY A 33 -5.78 -3.20 14.14
C GLY A 33 -6.42 -2.54 12.92
N LYS A 34 -6.37 -1.21 12.86
CA LYS A 34 -6.94 -0.49 11.74
C LYS A 34 -6.17 -0.84 10.47
N TYR A 35 -4.84 -0.84 10.53
CA TYR A 35 -4.06 -1.18 9.33
C TYR A 35 -4.45 -2.59 8.83
N SER A 36 -4.52 -3.54 9.75
CA SER A 36 -4.94 -4.89 9.42
C SER A 36 -6.32 -4.87 8.73
N SER A 37 -7.27 -4.12 9.28
CA SER A 37 -8.63 -4.10 8.74
C SER A 37 -8.63 -3.53 7.32
N TYR A 38 -7.91 -2.43 7.14
CA TYR A 38 -7.90 -1.71 5.86
C TYR A 38 -7.21 -2.55 4.77
N ALA A 39 -6.13 -3.25 5.13
CA ALA A 39 -5.48 -4.17 4.20
C ALA A 39 -6.44 -5.26 3.76
N GLU A 40 -7.22 -5.77 4.70
CA GLU A 40 -8.18 -6.85 4.42
C GLU A 40 -9.36 -6.40 3.56
N LYS A 41 -9.77 -5.13 3.71
CA LYS A 41 -10.93 -4.66 2.98
C LYS A 41 -10.58 -4.03 1.63
N ALA A 42 -9.31 -3.65 1.46
CA ALA A 42 -8.87 -2.98 0.26
C ALA A 42 -9.20 -3.74 -1.05
N PRO A 43 -8.97 -5.04 -1.10
CA PRO A 43 -9.29 -5.78 -2.37
C PRO A 43 -10.70 -5.59 -2.86
N THR A 44 -11.68 -5.63 -1.94
CA THR A 44 -13.08 -5.42 -2.33
C THR A 44 -13.31 -4.02 -2.88
N ILE A 45 -12.72 -3.01 -2.25
CA ILE A 45 -12.86 -1.66 -2.70
C ILE A 45 -12.27 -1.49 -4.09
N ILE A 46 -11.11 -2.12 -4.30
CA ILE A 46 -10.45 -2.06 -5.58
C ILE A 46 -11.30 -2.71 -6.70
N LEU A 47 -11.81 -3.90 -6.44
CA LEU A 47 -12.66 -4.60 -7.43
C LEU A 47 -13.88 -3.79 -7.80
N ASN A 48 -14.50 -3.13 -6.82
CA ASN A 48 -15.78 -2.41 -7.05
C ASN A 48 -15.62 -0.98 -7.50
N ASN A 49 -14.42 -0.42 -7.37
CA ASN A 49 -14.18 0.97 -7.70
C ASN A 49 -12.95 1.27 -8.54
N GLY A 50 -12.03 0.32 -8.67
CA GLY A 50 -10.80 0.54 -9.35
C GLY A 50 -9.71 0.94 -8.38
N LEU A 51 -8.50 0.66 -8.79
CA LEU A 51 -7.30 1.00 -8.01
C LEU A 51 -7.13 2.49 -7.84
N GLY A 52 -7.35 3.25 -8.91
CA GLY A 52 -7.19 4.68 -8.87
C GLY A 52 -8.12 5.28 -7.81
N ALA A 53 -9.40 4.93 -7.87
CA ALA A 53 -10.40 5.44 -6.93
C ALA A 53 -10.04 5.03 -5.50
N THR A 54 -9.49 3.84 -5.35
CA THR A 54 -9.16 3.30 -4.03
C THR A 54 -7.98 4.11 -3.42
N LEU A 55 -6.98 4.39 -4.23
CA LEU A 55 -5.87 5.25 -3.76
C LEU A 55 -6.38 6.65 -3.37
N ALA A 56 -7.26 7.21 -4.20
CA ALA A 56 -7.87 8.51 -3.91
C ALA A 56 -8.70 8.43 -2.64
N PHE A 57 -9.34 7.29 -2.41
CA PHE A 57 -10.16 7.04 -1.22
C PHE A 57 -9.29 7.10 0.03
N PHE A 58 -8.17 6.41 0.00
CA PHE A 58 -7.23 6.48 1.12
C PHE A 58 -6.83 7.94 1.41
N LEU A 59 -6.52 8.71 0.38
CA LEU A 59 -6.12 10.11 0.57
C LEU A 59 -7.27 10.97 1.14
N SER A 60 -8.48 10.67 0.69
CA SER A 60 -9.66 11.42 1.11
C SER A 60 -9.83 11.36 2.62
N LYS A 61 -9.37 10.28 3.23
CA LYS A 61 -9.51 10.04 4.68
C LYS A 61 -8.58 10.93 5.51
N LEU A 62 -7.50 11.39 4.91
CA LEU A 62 -6.39 11.98 5.68
C LEU A 62 -6.70 13.42 6.08
N GLU A 63 -6.26 13.83 7.26
CA GLU A 63 -6.40 15.24 7.68
C GLU A 63 -5.68 16.16 6.72
N LYS A 64 -6.33 17.27 6.37
CA LYS A 64 -5.80 18.20 5.40
C LYS A 64 -5.41 19.52 6.09
N PRO A 65 -4.53 20.32 5.45
CA PRO A 65 -3.90 20.07 4.16
C PRO A 65 -2.69 19.15 4.22
N ILE A 66 -2.40 18.51 3.09
CA ILE A 66 -1.21 17.70 2.94
C ILE A 66 -0.29 18.39 1.94
N ASP A 67 1.00 18.42 2.24
CA ASP A 67 1.99 19.08 1.37
C ASP A 67 1.91 18.59 -0.06
N ASP A 68 1.87 17.28 -0.18
CA ASP A 68 2.07 16.63 -1.45
C ASP A 68 1.54 15.23 -1.24
N VAL A 69 0.64 14.82 -2.11
CA VAL A 69 0.12 13.47 -1.97
C VAL A 69 0.98 12.47 -2.72
N ASP A 70 2.07 12.93 -3.32
CA ASP A 70 3.03 11.97 -3.85
C ASP A 70 3.44 11.02 -2.73
N TYR A 71 3.45 9.73 -3.02
CA TYR A 71 3.61 8.71 -1.99
C TYR A 71 4.93 8.83 -1.24
N LYS A 72 5.98 9.29 -1.91
CA LYS A 72 7.26 9.51 -1.22
C LYS A 72 7.21 10.61 -0.18
N SER A 73 6.35 11.60 -0.40
CA SER A 73 6.21 12.73 0.52
C SER A 73 5.31 12.48 1.74
N ILE A 74 4.52 11.43 1.71
CA ILE A 74 3.55 11.15 2.76
C ILE A 74 4.32 10.68 3.99
N ASN A 75 4.05 11.28 5.15
CA ASN A 75 4.56 10.81 6.46
C ASN A 75 3.42 10.21 7.26
N PRO A 76 3.21 8.88 7.17
CA PRO A 76 2.07 8.31 7.86
C PRO A 76 2.04 8.63 9.35
N GLU A 77 3.21 8.78 9.96
CA GLU A 77 3.33 8.88 11.39
C GLU A 77 2.95 10.27 11.90
N SER A 78 2.72 11.21 10.97
CA SER A 78 2.32 12.61 11.23
C SER A 78 0.82 12.83 11.41
N PHE A 79 0.01 11.82 11.16
CA PHE A 79 -1.44 12.00 11.27
C PHE A 79 -1.80 11.81 12.74
N GLY A 80 -2.97 12.28 13.11
CA GLY A 80 -3.36 12.40 14.52
C GLY A 80 -4.55 11.54 14.94
N ASN A 81 -4.68 10.38 14.31
CA ASN A 81 -5.49 9.31 14.88
C ASN A 81 -5.15 8.01 14.19
N ALA A 82 -5.61 6.91 14.75
CA ALA A 82 -5.20 5.59 14.33
C ALA A 82 -5.66 5.32 12.90
N GLU A 83 -6.86 5.79 12.57
CA GLU A 83 -7.44 5.53 11.26
C GLU A 83 -6.63 6.22 10.17
N ASN A 84 -6.33 7.50 10.39
CA ASN A 84 -5.53 8.28 9.43
C ASN A 84 -4.13 7.74 9.23
N ILE A 85 -3.47 7.39 10.34
CA ILE A 85 -2.15 6.85 10.29
C ILE A 85 -2.17 5.57 9.44
N ALA A 86 -3.13 4.69 9.71
CA ALA A 86 -3.24 3.43 8.99
C ALA A 86 -3.55 3.62 7.51
N TYR A 87 -4.48 4.50 7.17
CA TYR A 87 -4.75 4.75 5.74
C TYR A 87 -3.53 5.35 5.02
N ALA A 88 -2.81 6.24 5.69
CA ALA A 88 -1.62 6.85 5.11
C ALA A 88 -0.58 5.76 4.85
N PHE A 89 -0.40 4.86 5.83
CA PHE A 89 0.55 3.76 5.66
C PHE A 89 0.16 2.91 4.47
N LEU A 90 -1.11 2.57 4.42
CA LEU A 90 -1.58 1.63 3.35
C LEU A 90 -1.42 2.31 1.97
N TYR A 91 -1.79 3.57 1.86
CA TYR A 91 -1.56 4.32 0.62
C TYR A 91 -0.11 4.31 0.23
N LYS A 92 0.75 4.63 1.21
CA LYS A 92 2.17 4.74 0.96
C LYS A 92 2.79 3.39 0.58
N HIS A 93 2.39 2.33 1.28
CA HIS A 93 2.92 1.00 1.02
C HIS A 93 2.52 0.51 -0.37
N LEU A 94 1.24 0.64 -0.69
CA LEU A 94 0.75 0.14 -1.98
C LEU A 94 1.37 0.91 -3.14
N SER A 95 1.47 2.24 -2.97
CA SER A 95 2.05 3.13 -3.97
C SER A 95 3.52 2.81 -4.21
N THR A 96 4.24 2.56 -3.11
CA THR A 96 5.65 2.26 -3.16
C THR A 96 5.86 0.96 -3.92
N TRP A 97 5.03 -0.03 -3.64
CA TRP A 97 5.17 -1.31 -4.33
C TRP A 97 5.00 -1.12 -5.83
N LEU A 98 3.95 -0.38 -6.22
CA LEU A 98 3.63 -0.19 -7.63
C LEU A 98 4.71 0.62 -8.36
N ALA A 99 5.30 1.62 -7.70
CA ALA A 99 6.26 2.52 -8.36
C ALA A 99 7.73 2.06 -8.27
N GLU A 100 8.05 1.30 -7.22
CA GLU A 100 9.43 0.92 -6.94
C GLU A 100 9.67 -0.54 -6.63
N GLY A 101 8.60 -1.30 -6.48
CA GLY A 101 8.72 -2.73 -6.12
C GLY A 101 9.51 -2.85 -4.83
N ASN A 102 10.45 -3.79 -4.82
CA ASN A 102 11.25 -4.02 -3.62
C ASN A 102 12.62 -3.38 -3.78
N GLY A 103 12.74 -2.49 -4.78
CA GLY A 103 13.97 -1.71 -4.97
C GLY A 103 14.64 -1.92 -6.31
N LYS A 104 15.50 -0.97 -6.65
CA LYS A 104 16.28 -1.02 -7.88
C LYS A 104 17.14 -2.30 -7.95
N ASP A 105 17.58 -2.75 -6.77
CA ASP A 105 18.42 -3.94 -6.56
C ASP A 105 17.75 -5.28 -6.90
N SER A 106 16.41 -5.27 -6.86
CA SER A 106 15.64 -6.50 -6.77
C SER A 106 15.12 -7.02 -8.11
N ALA A 107 14.49 -8.18 -8.04
CA ALA A 107 13.91 -8.82 -9.23
C ALA A 107 12.63 -8.16 -9.72
N PHE A 108 12.02 -7.30 -8.91
CA PHE A 108 10.88 -6.48 -9.32
C PHE A 108 11.02 -5.04 -8.77
N SER A 109 11.08 -4.09 -9.69
CA SER A 109 11.35 -2.70 -9.35
C SER A 109 10.15 -1.80 -9.64
N GLY A 110 8.97 -2.40 -9.80
CA GLY A 110 7.72 -1.66 -9.98
C GLY A 110 7.14 -1.80 -11.38
N LEU A 111 6.00 -1.15 -11.60
CA LEU A 111 5.33 -1.14 -12.89
C LEU A 111 5.25 0.26 -13.48
N THR A 112 5.41 1.29 -12.66
CA THR A 112 5.13 2.67 -13.06
C THR A 112 6.40 3.50 -13.32
N ASN A 113 7.56 2.88 -13.10
CA ASN A 113 8.85 3.55 -13.26
C ASN A 113 8.96 4.78 -12.38
N GLY A 114 8.52 4.67 -11.13
CA GLY A 114 8.59 5.79 -10.22
C GLY A 114 7.52 6.85 -10.38
N GLU A 115 6.68 6.76 -11.42
CA GLU A 115 5.57 7.73 -11.56
C GLU A 115 4.60 7.46 -10.42
N ASP A 116 4.04 8.51 -9.84
CA ASP A 116 3.04 8.34 -8.80
C ASP A 116 1.96 7.44 -9.40
N PRO A 117 1.67 6.30 -8.75
CA PRO A 117 0.70 5.38 -9.34
C PRO A 117 -0.68 5.95 -9.65
N LEU A 118 -1.22 6.79 -8.76
CA LEU A 118 -2.55 7.35 -8.99
C LEU A 118 -2.57 8.13 -10.34
N LYS A 119 -1.47 8.79 -10.64
CA LYS A 119 -1.34 9.53 -11.88
C LYS A 119 -1.16 8.62 -13.11
N TYR A 120 -0.24 7.67 -13.02
CA TYR A 120 -0.03 6.59 -14.01
C TYR A 120 -1.35 5.91 -14.42
N ILE A 121 -2.19 5.62 -13.43
CA ILE A 121 -3.46 4.96 -13.65
C ILE A 121 -4.42 5.77 -14.51
N MET A 122 -4.34 7.10 -14.39
CA MET A 122 -5.20 7.98 -15.19
C MET A 122 -4.77 8.14 -16.64
N GLU A 123 -3.55 7.71 -16.95
CA GLU A 123 -2.90 7.93 -18.26
C GLU A 123 -2.81 6.69 -19.14
N LYS A 124 -2.65 5.51 -18.54
CA LYS A 124 -2.30 4.30 -19.31
C LYS A 124 -3.53 3.58 -19.82
N THR A 125 -3.31 2.62 -20.72
CA THR A 125 -4.40 1.85 -21.26
C THR A 125 -5.16 1.07 -20.19
N ALA A 126 -6.42 0.77 -20.48
CA ALA A 126 -7.25 -0.03 -19.58
C ALA A 126 -6.53 -1.35 -19.22
N ILE A 127 -5.94 -2.01 -20.21
CA ILE A 127 -5.21 -3.25 -19.95
C ILE A 127 -4.02 -3.01 -19.01
N ASP A 128 -3.23 -1.96 -19.22
CA ASP A 128 -2.12 -1.68 -18.30
C ASP A 128 -2.63 -1.33 -16.90
N VAL A 129 -3.74 -0.62 -16.81
CA VAL A 129 -4.36 -0.37 -15.49
C VAL A 129 -4.76 -1.68 -14.83
N ALA A 130 -5.34 -2.59 -15.60
CA ALA A 130 -5.78 -3.89 -15.08
C ALA A 130 -4.56 -4.72 -14.57
N ILE A 131 -3.45 -4.65 -15.29
CA ILE A 131 -2.22 -5.33 -14.88
C ILE A 131 -1.74 -4.76 -13.52
N SER A 132 -1.74 -3.42 -13.39
CA SER A 132 -1.35 -2.81 -12.13
C SER A 132 -2.31 -3.20 -11.02
N THR A 133 -3.59 -3.36 -11.36
CA THR A 133 -4.60 -3.73 -10.38
C THR A 133 -4.32 -5.15 -9.85
N GLU A 134 -3.97 -6.07 -10.76
CA GLU A 134 -3.58 -7.42 -10.37
C GLU A 134 -2.41 -7.37 -9.40
N GLU A 135 -1.40 -6.57 -9.74
CA GLU A 135 -0.20 -6.44 -8.88
C GLU A 135 -0.55 -5.85 -7.50
N ALA A 136 -1.42 -4.85 -7.50
CA ALA A 136 -1.90 -4.26 -6.22
C ALA A 136 -2.55 -5.31 -5.35
N LEU A 137 -3.42 -6.13 -5.97
CA LEU A 137 -4.14 -7.17 -5.24
C LEU A 137 -3.19 -8.24 -4.70
N SER A 138 -2.12 -8.49 -5.46
CA SER A 138 -1.13 -9.50 -5.10
C SER A 138 -0.35 -9.01 -3.86
N ILE A 139 0.13 -7.77 -3.88
CA ILE A 139 0.89 -7.28 -2.70
C ILE A 139 -0.07 -7.15 -1.50
N LEU A 140 -1.32 -6.73 -1.74
CA LEU A 140 -2.27 -6.61 -0.65
C LEU A 140 -2.52 -7.96 -0.02
N ASN A 141 -2.55 -9.02 -0.81
CA ASN A 141 -2.74 -10.34 -0.23
C ASN A 141 -1.59 -10.72 0.70
N TRP A 142 -0.37 -10.40 0.29
CA TRP A 142 0.80 -10.65 1.15
C TRP A 142 0.73 -9.80 2.43
N ILE A 143 0.35 -8.53 2.29
CA ILE A 143 0.27 -7.63 3.42
C ILE A 143 -0.76 -8.20 4.42
N LYS A 144 -1.91 -8.59 3.89
CA LYS A 144 -2.94 -9.21 4.71
C LYS A 144 -2.41 -10.42 5.48
N LYS A 145 -1.71 -11.29 4.79
CA LYS A 145 -1.19 -12.52 5.45
C LYS A 145 -0.21 -12.18 6.57
N PHE A 146 0.68 -11.24 6.31
CA PHE A 146 1.64 -10.84 7.36
C PHE A 146 0.98 -10.01 8.44
N ALA A 147 -0.02 -9.19 8.11
CA ALA A 147 -0.77 -8.52 9.17
C ALA A 147 -1.41 -9.54 10.10
N LYS A 148 -2.01 -10.60 9.56
CA LYS A 148 -2.64 -11.63 10.42
C LYS A 148 -1.56 -12.37 11.25
N ALA A 149 -0.38 -12.58 10.68
CA ALA A 149 0.76 -13.20 11.41
C ALA A 149 1.34 -12.32 12.53
N MET A 150 1.35 -11.00 12.33
CA MET A 150 2.23 -10.09 13.11
C MET A 150 1.51 -9.01 13.92
N LEU A 151 0.34 -8.58 13.46
CA LEU A 151 -0.35 -7.42 14.03
C LEU A 151 -1.57 -7.81 14.86
N GLU A 152 -1.90 -6.97 15.82
CA GLU A 152 -3.14 -7.11 16.57
C GLU A 152 -4.30 -6.78 15.66
N GLU A 153 -5.44 -7.44 15.87
CA GLU A 153 -6.71 -7.00 15.28
C GLU A 153 -7.48 -6.20 16.32
#